data_6ME0
#
_entry.id   6ME0
#
_cell.length_a   1.000
_cell.length_b   1.000
_cell.length_c   1.000
_cell.angle_alpha   90.000
_cell.angle_beta   90.000
_cell.angle_gamma   90.000
#
_symmetry.space_group_name_H-M   'P 1'
#
loop_
_entity.id
_entity.type
_entity.pdbx_description
1 polymer 'T.el4h RNA'
2 polymer 'Sense Target DNA'
3 polymer 'Maturase reverse transcriptase'
4 non-polymer 'MAGNESIUM ION'
5 non-polymer 'SODIUM ION'
#
loop_
_entity_poly.entity_id
_entity_poly.type
_entity_poly.pdbx_seq_one_letter_code
_entity_poly.pdbx_strand_id
1 'polyribonucleotide'
;UUGCGACGCGAAAGCUAGCCAGAUGAUUGUCCCACUAGCCCAACAAGCUAGAACGGGACCGGUUGUUCCCCCAACCGUAG
CCUAGGGAGGCAUGCGUGACUGGUAACGGUCAGGUGUGAAGCCCUCCCGACAAUGUAGCCCGAACCGCAAGGUUGAAGCU
GAAUCCGUGAGGAGGAAGCAACUUCACCAGUGUCAGGUGAUAGGGAACUAGGCUUGAGGGUAUGGUGAGCACAUGCGAAG
UGAUGUCAGAAGCCUCGUCACAGACCAACAGGCCAAAGACACUGAUAGGCCUGAGCCAAAACGGCAAAUGGAUAGGCUAC
AUCGCUCGCUCGUCGGUGUACGGGGACGUCAAUCCAUCGGGGCACAGUCACCACCUAACCCCUCGUGUCAUCUGGUUGGA
ACGCGGUAAGCCCGUAUCCUCGCCUUGAACACUCAAGGCAGGCAAACCGUAAGGAAUGCUGAUGGGGGUGCGGGUAUGGG
AUGCAGGAGAAAGCGAAUGCCGGUCUGUAAUGGACCGGAUAGGGGUUGAGGAGACAAUCCAACAUCACCCCGCCCGAAAG
GGAGCAGACUUCCUGCUGGUCUCUCUUUGCGAGAUAGCCUGUAGAACCUCUUGAAUGGAGACAAGGCAAAUGGCAGUGGA
ACAAACCACUGGUGCGGUCACCAACCAAACGGAAACAAGCUGGCACAGCAUAGACUGGGCCAAAGCCAACCGUGAGGUAA
AGAGGCUGCAAGUGCGUAUCGCAAAGGCGUUCGCGCCGGUUCCUCUUGAAAGAGGGGCUUUGAGAGGCCUGAGCCGGAUG
UGGGGAAACUCACAAGUCCGGUUCUUAGGGGGCGGGGAUGGCAGUAAUGCCUCCCUGCUACCCGGC
;
A
2 'polydeoxyribonucleotide'
;(DG)(DA)(DT)(DA)(DG)(DA)(DG)(DA)(DT)(DT)(DT)(DT)(DC)(DC)(DC)(DA)(DG)(DG)(DG)(DT)
(DT)(DG)(DG)(DC)(DC)(DG)(DA)(DG)(DC)(DG)(DG)(DA)(DT)(DG)(DA)(DG)(DG)(DC)(DA)(DG)
(DC)(DG)(DA)(DA)(DC)
;
B
3 'polypeptide(L)'
;METRQMAVEQTTGAVTNQTETSWHSIDWAKANREVKRLQVRIAKAVKEGRWGKVKALQWLLTHSFYGKALAVKRVTDNSG
SKTPGVDGITWSTQEQKAQAIKSLRRRGYKPQPLRRVYIPKASGKQRPLGIPTTKDRAMQALYALALEPVAETTADRNSY
GFRQGRCTADAAGQCFTVLGRSDCAKYILDADITGCFDNISHEWLLDNIPLDKEVLRKWLKSGFVWKQQLFPTHAGTPQG
GVISPMLANMTLDGMEELLKKHLRKQKVNLIRYADDFVVTGESKETLEKVTTVIQEFLKERGLTLSEEKTKVVHIEEGFD
FLGWNIRKYGEKLLIKPAKKNIKAFHKKIRDALKELRTATQEAVIDTLNPIIKGWANYHRNQVSKRIFNRADDNIWHKLW
RWAKRRHPNKPARWTKNKYFIKIGNRHWVFGTWKKDKEGRLRSRYLIKAGDTRIQRHVKIKADANPFLPEWAEYFEERKK
LKEAPAQYRRIRRELWKKQGGICPVCGGEIEQDMLTEIHHILPKHKGGSDDLDNLVLIHANCHKQVHSRDGQHSRFLLKE
GL
;
C
#
# COMPACT_ATOMS: atom_id res chain seq x y z
N ASP C 27 8.17 23.71 19.49
CA ASP C 27 7.02 23.81 18.60
C ASP C 27 6.25 22.52 18.51
N TRP C 28 6.90 21.47 17.99
CA TRP C 28 6.19 20.28 17.55
C TRP C 28 5.67 19.43 18.69
N ALA C 29 6.03 19.76 19.92
CA ALA C 29 5.47 19.10 21.10
C ALA C 29 4.06 19.57 21.43
N LYS C 30 3.51 20.50 20.65
CA LYS C 30 2.11 20.86 20.70
C LYS C 30 1.50 21.04 19.32
N ALA C 31 2.32 21.17 18.27
CA ALA C 31 1.80 21.46 16.93
C ALA C 31 1.14 20.23 16.32
N ASN C 32 1.65 19.05 16.62
CA ASN C 32 0.92 17.84 16.27
C ASN C 32 -0.34 17.70 17.11
N ARG C 33 -0.29 18.19 18.34
CA ARG C 33 -1.30 17.86 19.34
C ARG C 33 -2.59 18.63 19.08
N GLU C 34 -2.46 19.91 18.75
CA GLU C 34 -3.63 20.73 18.47
C GLU C 34 -4.28 20.30 17.17
N VAL C 35 -3.47 20.01 16.15
CA VAL C 35 -3.98 19.49 14.87
C VAL C 35 -4.77 18.21 15.11
N LYS C 36 -4.20 17.27 15.86
CA LYS C 36 -4.87 15.98 16.07
C LYS C 36 -6.13 16.13 16.90
N ARG C 37 -6.14 17.04 17.88
CA ARG C 37 -7.37 17.31 18.62
C ARG C 37 -8.45 17.85 17.69
N LEU C 38 -8.07 18.72 16.76
CA LEU C 38 -9.07 19.27 15.86
C LEU C 38 -9.54 18.22 14.86
N GLN C 39 -8.67 17.26 14.52
CA GLN C 39 -9.07 16.09 13.73
C GLN C 39 -10.13 15.29 14.47
N VAL C 40 -9.94 15.10 15.78
CA VAL C 40 -10.93 14.43 16.61
C VAL C 40 -12.24 15.19 16.58
N ARG C 41 -12.18 16.53 16.54
CA ARG C 41 -13.41 17.31 16.51
C ARG C 41 -14.12 17.22 15.17
N ILE C 42 -13.36 17.11 14.08
CA ILE C 42 -13.98 16.88 12.77
C ILE C 42 -14.68 15.54 12.75
N ALA C 43 -14.03 14.51 13.29
CA ALA C 43 -14.65 13.18 13.27
C ALA C 43 -15.88 13.11 14.16
N LYS C 44 -15.83 13.75 15.34
CA LYS C 44 -17.02 13.88 16.17
C LYS C 44 -18.11 14.67 15.48
N ALA C 45 -17.76 15.56 14.57
CA ALA C 45 -18.79 16.20 13.78
C ALA C 45 -19.41 15.23 12.78
N VAL C 46 -18.62 14.35 12.17
CA VAL C 46 -19.21 13.53 11.12
C VAL C 46 -19.98 12.35 11.73
N LYS C 47 -19.77 12.05 13.02
CA LYS C 47 -20.60 10.98 13.58
C LYS C 47 -22.05 11.40 13.83
N GLU C 48 -22.37 12.70 13.82
CA GLU C 48 -23.72 13.17 13.55
C GLU C 48 -23.72 13.82 12.18
N GLY C 49 -24.84 14.45 11.80
CA GLY C 49 -24.93 14.95 10.43
C GLY C 49 -24.03 16.14 10.15
N ARG C 50 -24.42 17.32 10.64
CA ARG C 50 -23.61 18.52 10.90
C ARG C 50 -22.43 18.76 9.97
N TRP C 51 -22.65 18.68 8.67
CA TRP C 51 -21.57 18.98 7.74
C TRP C 51 -21.22 20.46 7.74
N GLY C 52 -22.09 21.32 8.26
CA GLY C 52 -21.70 22.68 8.52
C GLY C 52 -20.63 22.77 9.57
N LYS C 53 -20.75 21.97 10.64
CA LYS C 53 -19.68 21.87 11.63
C LYS C 53 -18.40 21.35 11.00
N VAL C 54 -18.54 20.38 10.09
CA VAL C 54 -17.37 19.77 9.44
C VAL C 54 -16.67 20.79 8.57
N LYS C 55 -17.43 21.52 7.76
CA LYS C 55 -16.83 22.49 6.87
C LYS C 55 -16.29 23.68 7.65
N ALA C 56 -16.89 23.98 8.79
CA ALA C 56 -16.35 25.02 9.65
C ALA C 56 -15.01 24.60 10.25
N LEU C 57 -14.90 23.36 10.71
CA LEU C 57 -13.65 22.94 11.32
C LEU C 57 -12.58 22.65 10.27
N GLN C 58 -12.96 22.24 9.07
CA GLN C 58 -12.01 22.19 7.97
C GLN C 58 -11.50 23.59 7.62
N TRP C 59 -12.42 24.56 7.53
CA TRP C 59 -12.05 25.93 7.23
C TRP C 59 -11.14 26.51 8.29
N LEU C 60 -11.36 26.11 9.53
CA LEU C 60 -10.59 26.61 10.64
C LEU C 60 -9.22 25.98 10.72
N LEU C 61 -9.13 24.66 10.63
CA LEU C 61 -7.87 23.94 10.61
C LEU C 61 -7.00 24.29 9.43
N THR C 62 -7.60 24.56 8.27
CA THR C 62 -6.81 25.02 7.14
C THR C 62 -6.27 26.42 7.40
N HIS C 63 -6.96 27.23 8.19
CA HIS C 63 -6.53 28.57 8.50
C HIS C 63 -5.95 28.66 9.90
N SER C 64 -5.19 27.65 10.27
CA SER C 64 -4.52 27.54 11.55
C SER C 64 -3.01 27.54 11.33
N PHE C 65 -2.27 28.15 12.26
CA PHE C 65 -0.81 28.15 12.17
C PHE C 65 -0.26 26.75 12.28
N TYR C 66 -0.81 25.96 13.20
CA TYR C 66 -0.32 24.60 13.43
C TYR C 66 -0.53 23.71 12.23
N GLY C 67 -1.66 23.89 11.52
CA GLY C 67 -1.89 23.13 10.31
C GLY C 67 -0.85 23.44 9.25
N LYS C 68 -0.49 24.71 9.13
CA LYS C 68 0.48 25.08 8.12
C LYS C 68 1.88 24.63 8.49
N ALA C 69 2.19 24.65 9.79
CA ALA C 69 3.49 24.19 10.25
C ALA C 69 3.65 22.69 10.06
N LEU C 70 2.59 21.95 10.38
CA LEU C 70 2.57 20.52 10.08
C LEU C 70 2.71 20.26 8.60
N ALA C 71 2.09 21.10 7.77
CA ALA C 71 2.18 20.92 6.33
C ALA C 71 3.60 21.06 5.83
N VAL C 72 4.31 22.08 6.30
CA VAL C 72 5.68 22.18 5.84
C VAL C 72 6.58 21.13 6.46
N LYS C 73 6.26 20.59 7.65
CA LYS C 73 7.04 19.44 8.11
C LYS C 73 6.84 18.22 7.23
N ARG C 74 5.59 17.92 6.87
CA ARG C 74 5.33 16.77 6.02
C ARG C 74 5.96 16.95 4.64
N VAL C 75 6.10 18.19 4.17
CA VAL C 75 6.84 18.40 2.94
C VAL C 75 8.32 18.14 3.14
N THR C 76 8.90 18.70 4.21
CA THR C 76 10.35 18.60 4.39
C THR C 76 10.82 17.20 4.76
N ASP C 77 9.92 16.33 5.20
CA ASP C 77 10.32 14.97 5.53
C ASP C 77 9.87 13.95 4.49
N ASN C 78 9.89 14.29 3.21
CA ASN C 78 9.60 13.34 2.13
C ASN C 78 10.55 13.50 0.95
N SER C 79 11.80 13.92 1.20
CA SER C 79 12.86 14.07 0.20
C SER C 79 12.46 15.05 -0.92
N GLY C 80 12.34 16.31 -0.54
CA GLY C 80 12.04 17.33 -1.51
C GLY C 80 13.20 17.62 -2.43
N SER C 81 12.92 17.76 -3.73
CA SER C 81 13.92 18.05 -4.75
C SER C 81 13.32 19.07 -5.71
N LYS C 82 13.91 19.15 -6.90
CA LYS C 82 13.61 20.22 -7.83
C LYS C 82 12.22 20.08 -8.44
N THR C 83 11.40 21.08 -8.21
CA THR C 83 10.03 21.22 -8.69
C THR C 83 10.09 22.28 -9.79
N PRO C 84 9.00 22.63 -10.49
CA PRO C 84 9.09 23.86 -11.30
C PRO C 84 9.21 25.12 -10.47
N GLY C 85 8.30 25.36 -9.55
CA GLY C 85 8.39 26.51 -8.67
C GLY C 85 9.35 26.20 -7.54
N VAL C 86 10.64 26.28 -7.81
CA VAL C 86 11.67 25.78 -6.91
C VAL C 86 11.66 26.57 -5.62
N ASP C 87 11.40 25.89 -4.51
CA ASP C 87 11.63 26.46 -3.20
C ASP C 87 12.68 25.63 -2.49
N GLY C 88 13.21 26.18 -1.41
CA GLY C 88 14.18 25.46 -0.65
C GLY C 88 13.50 24.76 0.50
N ILE C 89 14.30 24.04 1.25
CA ILE C 89 13.84 23.23 2.37
C ILE C 89 14.55 23.77 3.60
N THR C 90 15.81 24.12 3.40
CA THR C 90 16.77 24.28 4.47
C THR C 90 16.71 25.69 5.05
N TRP C 91 17.70 25.99 5.89
CA TRP C 91 17.98 27.22 6.63
C TRP C 91 17.05 27.45 7.81
N SER C 92 16.05 26.60 8.04
CA SER C 92 15.19 26.58 9.25
C SER C 92 14.43 27.89 9.45
N THR C 93 14.39 28.71 8.42
CA THR C 93 13.64 29.95 8.34
C THR C 93 12.69 29.94 7.17
N GLN C 94 13.06 29.29 6.07
CA GLN C 94 12.14 29.09 4.97
C GLN C 94 10.99 28.17 5.32
N GLU C 95 11.12 27.39 6.40
CA GLU C 95 9.94 26.90 7.08
C GLU C 95 9.00 28.05 7.41
N GLN C 96 9.49 29.04 8.17
CA GLN C 96 8.64 30.14 8.62
C GLN C 96 8.27 31.06 7.45
N LYS C 97 9.18 31.23 6.49
CA LYS C 97 8.88 31.98 5.26
C LYS C 97 7.74 31.34 4.50
N ALA C 98 7.86 30.05 4.17
CA ALA C 98 6.86 29.39 3.34
C ALA C 98 5.54 29.22 4.08
N GLN C 99 5.57 29.01 5.40
CA GLN C 99 4.31 28.82 6.08
C GLN C 99 3.57 30.13 6.25
N ALA C 100 4.29 31.24 6.43
CA ALA C 100 3.60 32.53 6.36
C ALA C 100 3.18 32.85 4.93
N ILE C 101 3.83 32.25 3.93
CA ILE C 101 3.40 32.45 2.55
C ILE C 101 2.07 31.75 2.30
N LYS C 102 1.90 30.53 2.80
CA LYS C 102 0.60 29.89 2.68
C LYS C 102 -0.35 30.24 3.83
N SER C 103 0.06 31.14 4.73
CA SER C 103 -0.90 31.79 5.62
C SER C 103 -1.88 32.66 4.85
N LEU C 104 -1.36 33.51 3.96
CA LEU C 104 -2.20 34.17 2.97
C LEU C 104 -2.85 33.19 2.00
N ARG C 105 -2.10 32.20 1.54
CA ARG C 105 -2.37 31.56 0.25
C ARG C 105 -3.49 30.55 0.41
N ARG C 106 -4.71 31.06 0.34
CA ARG C 106 -5.88 30.29 -0.05
C ARG C 106 -6.63 30.98 -1.16
N ARG C 107 -6.48 32.30 -1.30
CA ARG C 107 -7.27 33.11 -2.21
C ARG C 107 -6.67 33.17 -3.60
N GLY C 108 -5.40 33.51 -3.70
CA GLY C 108 -4.79 33.66 -4.99
C GLY C 108 -3.97 32.46 -5.38
N TYR C 109 -4.24 31.36 -4.69
CA TYR C 109 -3.53 30.11 -4.92
C TYR C 109 -3.81 29.57 -6.30
N LYS C 110 -2.82 29.63 -7.18
CA LYS C 110 -2.88 28.98 -8.48
C LYS C 110 -1.88 27.84 -8.50
N PRO C 111 -2.32 26.62 -8.69
CA PRO C 111 -1.38 25.51 -8.74
C PRO C 111 -0.62 25.48 -10.05
N GLN C 112 0.68 25.42 -9.97
CA GLN C 112 1.48 25.29 -11.18
C GLN C 112 1.54 23.82 -11.57
N PRO C 113 1.69 23.51 -12.85
CA PRO C 113 1.64 22.10 -13.27
C PRO C 113 2.86 21.32 -12.85
N LEU C 114 2.84 20.03 -13.13
CA LEU C 114 3.77 19.11 -12.52
C LEU C 114 5.06 19.00 -13.32
N ARG C 115 6.04 18.38 -12.70
CA ARG C 115 7.33 18.10 -13.31
C ARG C 115 7.43 16.59 -13.45
N ARG C 116 7.73 16.13 -14.65
CA ARG C 116 7.61 14.72 -14.99
C ARG C 116 8.92 14.02 -14.66
N VAL C 117 8.95 13.39 -13.50
CA VAL C 117 10.16 12.92 -12.87
C VAL C 117 10.14 11.39 -12.85
N TYR C 118 11.19 10.79 -13.41
CA TYR C 118 11.34 9.35 -13.39
C TYR C 118 12.25 8.95 -12.25
N ILE C 119 11.72 8.15 -11.33
CA ILE C 119 12.52 7.47 -10.33
C ILE C 119 12.80 6.06 -10.83
N PRO C 120 14.05 5.67 -10.98
CA PRO C 120 14.36 4.33 -11.50
C PRO C 120 14.10 3.21 -10.51
N LYS C 121 12.88 2.67 -10.53
CA LYS C 121 12.54 1.47 -9.76
C LYS C 121 13.49 0.32 -10.08
N ALA C 122 13.73 -0.51 -9.07
CA ALA C 122 14.59 -1.69 -9.19
C ALA C 122 13.79 -2.96 -9.44
N SER C 123 12.70 -2.86 -10.19
CA SER C 123 11.85 -4.01 -10.52
C SER C 123 11.41 -3.98 -11.98
N GLY C 124 12.07 -3.21 -12.84
CA GLY C 124 11.68 -3.19 -14.23
C GLY C 124 11.73 -1.92 -15.05
N LYS C 125 11.53 -0.74 -14.47
CA LYS C 125 11.40 0.46 -15.29
C LYS C 125 12.15 1.61 -14.65
N GLN C 126 11.91 2.81 -15.17
CA GLN C 126 11.89 4.04 -14.40
C GLN C 126 10.41 4.35 -14.24
N ARG C 127 9.82 3.99 -13.10
CA ARG C 127 8.41 4.29 -12.89
C ARG C 127 8.21 5.79 -12.69
N PRO C 128 7.48 6.45 -13.58
CA PRO C 128 7.34 7.90 -13.49
C PRO C 128 6.46 8.31 -12.32
N LEU C 129 6.73 9.51 -11.84
CA LEU C 129 6.06 10.04 -10.67
C LEU C 129 6.12 11.55 -10.84
N GLY C 130 5.03 12.15 -11.29
CA GLY C 130 4.99 13.58 -11.48
C GLY C 130 5.14 14.28 -10.15
N ILE C 131 6.06 15.22 -10.06
CA ILE C 131 6.36 15.91 -8.81
C ILE C 131 5.69 17.27 -8.86
N PRO C 132 4.85 17.63 -7.88
CA PRO C 132 4.21 18.93 -7.87
C PRO C 132 5.20 20.02 -7.48
N THR C 133 4.67 21.22 -7.29
CA THR C 133 5.44 22.25 -6.64
C THR C 133 5.50 21.96 -5.14
N THR C 134 6.52 22.50 -4.46
CA THR C 134 6.57 22.37 -3.02
C THR C 134 5.41 23.11 -2.37
N LYS C 135 5.01 24.24 -2.94
CA LYS C 135 3.84 24.93 -2.43
C LYS C 135 2.58 24.12 -2.70
N ASP C 136 2.56 23.42 -3.84
CA ASP C 136 1.38 22.64 -4.18
C ASP C 136 1.30 21.41 -3.29
N ARG C 137 2.43 20.79 -2.99
CA ARG C 137 2.37 19.66 -2.09
C ARG C 137 2.19 20.09 -0.64
N ALA C 138 2.51 21.34 -0.31
CA ALA C 138 2.18 21.84 1.01
C ALA C 138 0.69 22.06 1.15
N MET C 139 0.05 22.56 0.09
CA MET C 139 -1.41 22.64 0.09
C MET C 139 -2.04 21.25 0.11
N GLN C 140 -1.42 20.29 -0.57
CA GLN C 140 -1.93 18.92 -0.51
C GLN C 140 -1.82 18.35 0.88
N ALA C 141 -0.75 18.65 1.61
CA ALA C 141 -0.64 18.16 2.96
C ALA C 141 -1.62 18.85 3.89
N LEU C 142 -1.88 20.15 3.66
CA LEU C 142 -2.91 20.88 4.38
C LEU C 142 -4.28 20.23 4.23
N TYR C 143 -4.71 20.05 3.00
CA TYR C 143 -6.03 19.47 2.84
C TYR C 143 -6.03 17.97 3.09
N ALA C 144 -4.86 17.34 3.16
CA ALA C 144 -4.79 15.95 3.56
C ALA C 144 -5.10 15.81 5.05
N LEU C 145 -4.49 16.66 5.88
CA LEU C 145 -4.87 16.63 7.28
C LEU C 145 -6.24 17.21 7.52
N ALA C 146 -6.81 17.94 6.56
CA ALA C 146 -8.24 18.24 6.61
C ALA C 146 -9.08 16.99 6.33
N LEU C 147 -8.74 16.26 5.27
CA LEU C 147 -9.58 15.16 4.79
C LEU C 147 -9.57 13.96 5.70
N GLU C 148 -8.41 13.62 6.27
CA GLU C 148 -8.25 12.36 7.01
C GLU C 148 -9.33 11.97 8.01
N PRO C 149 -9.81 12.82 8.92
CA PRO C 149 -10.82 12.33 9.86
C PRO C 149 -12.19 12.16 9.24
N VAL C 150 -12.41 12.67 8.04
CA VAL C 150 -13.62 12.30 7.34
C VAL C 150 -13.42 10.98 6.61
N ALA C 151 -12.25 10.75 6.03
CA ALA C 151 -12.00 9.49 5.37
C ALA C 151 -11.72 8.34 6.33
N GLU C 152 -11.61 8.62 7.64
CA GLU C 152 -11.65 7.54 8.62
C GLU C 152 -13.06 7.04 8.82
N THR C 153 -13.94 7.92 9.29
CA THR C 153 -15.26 7.54 9.74
C THR C 153 -16.22 7.20 8.61
N THR C 154 -16.13 7.88 7.49
CA THR C 154 -17.08 7.67 6.39
C THR C 154 -16.66 6.56 5.47
N ALA C 155 -15.46 6.03 5.63
CA ALA C 155 -15.04 4.93 4.78
C ALA C 155 -15.67 3.64 5.26
N ASP C 156 -15.28 2.55 4.61
CA ASP C 156 -15.86 1.26 4.96
C ASP C 156 -15.28 0.74 6.28
N ARG C 157 -15.59 -0.49 6.54
CA ARG C 157 -15.05 -1.18 7.69
C ARG C 157 -14.30 -2.44 7.27
N ASN C 158 -14.47 -2.85 6.02
CA ASN C 158 -13.67 -3.90 5.40
C ASN C 158 -12.79 -3.35 4.29
N SER C 159 -12.66 -2.04 4.19
CA SER C 159 -11.67 -1.46 3.30
C SER C 159 -10.37 -1.30 4.04
N TYR C 160 -9.32 -1.94 3.55
CA TYR C 160 -8.06 -1.95 4.25
C TYR C 160 -6.95 -1.19 3.53
N GLY C 161 -7.20 -0.64 2.35
CA GLY C 161 -6.16 0.06 1.64
C GLY C 161 -5.90 1.42 2.24
N PHE C 162 -4.65 1.66 2.63
CA PHE C 162 -4.08 3.01 2.82
C PHE C 162 -4.70 3.76 3.97
N ARG C 163 -5.41 3.08 4.84
CA ARG C 163 -6.02 3.76 5.97
C ARG C 163 -5.04 3.83 7.12
N GLN C 164 -5.55 4.22 8.27
CA GLN C 164 -4.76 4.28 9.48
C GLN C 164 -4.74 2.89 10.07
N GLY C 165 -3.62 2.53 10.70
CA GLY C 165 -3.51 1.33 11.52
C GLY C 165 -3.83 0.01 10.86
N ARG C 166 -3.80 -0.06 9.53
CA ARG C 166 -4.25 -1.25 8.84
C ARG C 166 -3.16 -1.79 7.93
N CYS C 167 -2.78 -3.03 8.17
CA CYS C 167 -1.79 -3.73 7.38
C CYS C 167 -2.50 -4.49 6.27
N THR C 168 -1.73 -5.04 5.34
CA THR C 168 -2.33 -5.96 4.37
C THR C 168 -2.55 -7.32 4.98
N ALA C 169 -1.93 -7.58 6.13
CA ALA C 169 -2.23 -8.77 6.89
C ALA C 169 -3.66 -8.77 7.43
N ASP C 170 -4.24 -7.59 7.68
CA ASP C 170 -5.62 -7.58 8.14
C ASP C 170 -6.59 -7.89 7.03
N ALA C 171 -6.20 -7.65 5.77
CA ALA C 171 -7.02 -8.13 4.67
C ALA C 171 -7.03 -9.65 4.65
N ALA C 172 -5.90 -10.27 4.96
CA ALA C 172 -5.89 -11.71 5.10
C ALA C 172 -6.69 -12.17 6.31
N GLY C 173 -6.68 -11.41 7.40
CA GLY C 173 -7.49 -11.76 8.56
C GLY C 173 -8.98 -11.68 8.30
N GLN C 174 -9.39 -10.68 7.50
CA GLN C 174 -10.78 -10.62 7.11
C GLN C 174 -11.12 -11.72 6.12
N CYS C 175 -10.17 -12.11 5.26
CA CYS C 175 -10.37 -13.29 4.43
C CYS C 175 -10.46 -14.56 5.27
N PHE C 176 -9.85 -14.57 6.43
CA PHE C 176 -9.94 -15.73 7.29
C PHE C 176 -11.32 -15.81 7.95
N THR C 177 -11.71 -14.77 8.70
CA THR C 177 -12.99 -14.84 9.38
C THR C 177 -14.18 -14.66 8.46
N VAL C 178 -13.98 -14.41 7.17
CA VAL C 178 -15.03 -14.61 6.20
C VAL C 178 -15.06 -16.03 5.66
N LEU C 179 -13.91 -16.58 5.24
CA LEU C 179 -13.90 -17.82 4.48
C LEU C 179 -13.50 -19.02 5.33
N GLY C 180 -13.84 -19.03 6.61
CA GLY C 180 -13.38 -20.08 7.50
C GLY C 180 -14.14 -21.39 7.43
N ARG C 181 -14.54 -21.91 8.59
CA ARG C 181 -15.11 -23.26 8.66
C ARG C 181 -16.51 -23.27 8.08
N SER C 182 -16.58 -23.37 6.75
CA SER C 182 -17.78 -23.20 5.93
C SER C 182 -18.50 -21.87 6.20
N ASP C 183 -17.74 -20.85 6.63
CA ASP C 183 -18.28 -19.52 6.91
C ASP C 183 -18.55 -18.74 5.65
N CYS C 184 -18.22 -19.27 4.48
CA CYS C 184 -18.82 -18.80 3.25
C CYS C 184 -19.49 -19.98 2.60
N ALA C 185 -19.93 -19.76 1.37
CA ALA C 185 -20.51 -20.80 0.54
C ALA C 185 -19.85 -20.80 -0.83
N LYS C 186 -18.52 -20.80 -0.83
CA LYS C 186 -17.71 -21.43 -1.82
C LYS C 186 -17.71 -20.77 -3.18
N TYR C 187 -18.13 -19.52 -3.31
CA TYR C 187 -17.97 -18.84 -4.59
C TYR C 187 -17.52 -17.41 -4.38
N ILE C 188 -16.46 -17.05 -5.09
CA ILE C 188 -15.75 -15.80 -4.85
C ILE C 188 -15.45 -15.16 -6.19
N LEU C 189 -15.66 -13.85 -6.27
CA LEU C 189 -15.44 -13.08 -7.48
C LEU C 189 -14.16 -12.29 -7.34
N ASP C 190 -13.18 -12.61 -8.17
CA ASP C 190 -11.89 -11.96 -8.17
C ASP C 190 -11.96 -10.80 -9.16
N ALA C 191 -12.27 -9.61 -8.67
CA ALA C 191 -12.43 -8.47 -9.57
C ALA C 191 -11.24 -7.53 -9.49
N ASP C 192 -11.23 -6.56 -10.41
CA ASP C 192 -10.24 -5.50 -10.43
C ASP C 192 -10.77 -4.38 -11.31
N ILE C 193 -10.26 -3.17 -11.10
CA ILE C 193 -10.83 -1.95 -11.66
C ILE C 193 -9.92 -1.42 -12.77
N THR C 194 -10.49 -1.13 -13.93
CA THR C 194 -9.73 -0.54 -15.02
C THR C 194 -9.62 0.97 -14.87
N GLY C 195 -8.99 1.58 -15.85
CA GLY C 195 -8.85 3.02 -15.90
C GLY C 195 -7.61 3.36 -15.11
N CYS C 196 -6.53 3.77 -15.78
CA CYS C 196 -5.22 3.79 -15.14
C CYS C 196 -5.13 4.95 -14.15
N PHE C 197 -5.34 6.15 -14.64
CA PHE C 197 -5.11 7.37 -13.87
C PHE C 197 -6.28 7.58 -12.91
N ASP C 198 -6.40 8.78 -12.35
CA ASP C 198 -7.65 9.14 -11.68
C ASP C 198 -8.70 9.35 -12.78
N ASN C 199 -9.22 8.24 -13.30
CA ASN C 199 -10.16 8.21 -14.41
C ASN C 199 -11.55 8.61 -13.98
N ILE C 200 -11.71 8.84 -12.68
CA ILE C 200 -12.91 9.39 -12.08
C ILE C 200 -13.33 10.65 -12.82
N SER C 201 -14.62 10.73 -13.13
CA SER C 201 -15.13 11.94 -13.73
C SER C 201 -15.00 13.06 -12.72
N HIS C 202 -14.41 14.17 -13.17
CA HIS C 202 -14.06 15.27 -12.27
C HIS C 202 -15.29 15.86 -11.63
N GLU C 203 -16.41 15.82 -12.35
CA GLU C 203 -17.67 16.33 -11.84
C GLU C 203 -18.14 15.55 -10.62
N TRP C 204 -17.92 14.23 -10.62
CA TRP C 204 -18.32 13.45 -9.45
C TRP C 204 -17.48 13.84 -8.25
N LEU C 205 -16.19 14.06 -8.45
CA LEU C 205 -15.32 14.49 -7.35
C LEU C 205 -15.78 15.82 -6.80
N LEU C 206 -16.10 16.77 -7.69
CA LEU C 206 -16.53 18.07 -7.23
C LEU C 206 -17.89 18.02 -6.56
N ASP C 207 -18.72 17.03 -6.87
CA ASP C 207 -20.05 16.98 -6.30
C ASP C 207 -20.02 16.59 -4.81
N ASN C 208 -19.45 15.43 -4.48
CA ASN C 208 -19.53 14.92 -3.10
C ASN C 208 -18.17 14.49 -2.56
N ILE C 209 -17.38 15.45 -2.10
CA ILE C 209 -16.15 15.22 -1.34
C ILE C 209 -16.12 16.28 -0.25
N PRO C 210 -15.92 15.92 0.99
CA PRO C 210 -15.96 16.91 2.07
C PRO C 210 -14.71 17.78 2.15
N LEU C 211 -14.46 18.58 1.12
CA LEU C 211 -13.48 19.65 1.21
C LEU C 211 -14.03 20.83 0.42
N ASP C 212 -13.28 21.94 0.43
CA ASP C 212 -13.78 23.13 -0.23
C ASP C 212 -13.61 23.03 -1.74
N LYS C 213 -14.72 23.17 -2.45
CA LYS C 213 -14.78 22.87 -3.87
C LYS C 213 -13.94 23.80 -4.71
N GLU C 214 -13.50 24.94 -4.18
CA GLU C 214 -12.65 25.82 -4.97
C GLU C 214 -11.24 25.28 -5.09
N VAL C 215 -10.68 24.77 -3.99
CA VAL C 215 -9.33 24.23 -4.03
C VAL C 215 -9.29 22.98 -4.90
N LEU C 216 -10.24 22.08 -4.69
CA LEU C 216 -10.32 20.88 -5.50
C LEU C 216 -10.67 21.20 -6.95
N ARG C 217 -11.44 22.25 -7.16
CA ARG C 217 -11.75 22.72 -8.49
C ARG C 217 -10.50 23.19 -9.22
N LYS C 218 -9.61 23.90 -8.51
CA LYS C 218 -8.36 24.33 -9.11
C LYS C 218 -7.42 23.16 -9.31
N TRP C 219 -7.52 22.14 -8.45
CA TRP C 219 -6.65 20.99 -8.59
C TRP C 219 -7.01 20.16 -9.82
N LEU C 220 -8.29 19.84 -9.98
CA LEU C 220 -8.69 18.91 -11.04
C LEU C 220 -8.56 19.54 -12.41
N LYS C 221 -8.61 20.87 -12.48
CA LYS C 221 -8.34 21.56 -13.74
C LYS C 221 -6.89 21.39 -14.14
N SER C 222 -6.00 21.31 -13.15
CA SER C 222 -4.58 21.51 -13.40
C SER C 222 -3.91 20.31 -14.04
N GLY C 223 -4.67 19.25 -14.35
CA GLY C 223 -4.06 17.98 -14.66
C GLY C 223 -3.38 17.37 -13.47
N PHE C 224 -4.15 16.95 -12.48
CA PHE C 224 -3.79 16.97 -11.06
C PHE C 224 -2.61 16.05 -10.77
N VAL C 225 -2.69 14.76 -11.08
CA VAL C 225 -1.51 13.91 -10.93
C VAL C 225 -1.14 13.46 -12.34
N TRP C 226 0.16 13.31 -12.61
CA TRP C 226 0.68 12.94 -13.91
C TRP C 226 0.11 11.62 -14.39
N LYS C 227 -0.22 11.57 -15.69
CA LYS C 227 -1.15 10.58 -16.20
C LYS C 227 -0.59 9.16 -16.27
N GLN C 228 0.59 8.92 -15.73
CA GLN C 228 0.98 7.59 -15.32
C GLN C 228 0.98 7.56 -13.79
N GLN C 229 -0.18 7.23 -13.24
CA GLN C 229 -0.63 7.17 -11.86
C GLN C 229 -1.66 6.05 -11.85
N LEU C 230 -1.69 5.26 -10.77
CA LEU C 230 -2.49 4.05 -10.81
C LEU C 230 -3.53 4.01 -9.69
N PHE C 231 -4.03 5.17 -9.26
CA PHE C 231 -5.00 5.53 -8.22
C PHE C 231 -5.02 4.58 -7.02
N PRO C 232 -3.87 4.34 -6.35
CA PRO C 232 -3.92 3.28 -5.36
C PRO C 232 -4.65 3.65 -4.07
N GLY C 241 1.69 14.00 -3.80
CA GLY C 241 1.03 12.76 -4.18
C GLY C 241 0.39 12.10 -2.99
N VAL C 242 0.35 12.86 -1.90
CA VAL C 242 -0.15 12.43 -0.59
C VAL C 242 -1.66 12.32 -0.55
N ILE C 243 -2.36 13.19 -1.28
CA ILE C 243 -3.79 13.34 -1.18
C ILE C 243 -4.53 12.36 -2.08
N SER C 244 -3.91 11.85 -3.12
CA SER C 244 -4.55 10.94 -4.04
C SER C 244 -5.02 9.60 -3.46
N PRO C 245 -4.36 8.99 -2.46
CA PRO C 245 -5.02 7.85 -1.82
C PRO C 245 -6.23 8.22 -1.01
N MET C 246 -6.29 9.43 -0.45
CA MET C 246 -7.49 9.84 0.28
C MET C 246 -8.68 9.96 -0.67
N LEU C 247 -8.43 10.53 -1.85
CA LEU C 247 -9.44 10.57 -2.90
C LEU C 247 -9.83 9.17 -3.35
N ALA C 248 -8.85 8.32 -3.63
CA ALA C 248 -9.18 7.02 -4.18
C ALA C 248 -9.73 6.08 -3.13
N ASN C 249 -9.63 6.42 -1.84
CA ASN C 249 -10.44 5.74 -0.85
C ASN C 249 -11.85 6.29 -0.79
N MET C 250 -12.01 7.61 -0.85
CA MET C 250 -13.35 8.17 -0.74
C MET C 250 -14.20 7.83 -1.94
N THR C 251 -13.60 7.59 -3.10
CA THR C 251 -14.41 7.27 -4.25
C THR C 251 -14.92 5.85 -4.22
N LEU C 252 -14.42 5.02 -3.32
CA LEU C 252 -14.76 3.60 -3.29
C LEU C 252 -15.25 3.22 -1.91
N ASP C 253 -16.22 3.96 -1.38
CA ASP C 253 -16.73 3.65 -0.06
C ASP C 253 -18.21 3.30 -0.04
N GLY C 254 -18.86 3.26 -1.19
CA GLY C 254 -20.24 2.86 -1.20
C GLY C 254 -20.44 1.39 -1.48
N MET C 255 -19.36 0.65 -1.71
CA MET C 255 -19.48 -0.73 -2.16
C MET C 255 -20.03 -1.63 -1.06
N GLU C 256 -19.61 -1.40 0.19
CA GLU C 256 -20.07 -2.26 1.27
C GLU C 256 -21.55 -2.05 1.56
N GLU C 257 -22.00 -0.79 1.53
CA GLU C 257 -23.40 -0.49 1.76
C GLU C 257 -24.27 -0.99 0.62
N LEU C 258 -23.84 -0.76 -0.62
CA LEU C 258 -24.64 -1.21 -1.76
C LEU C 258 -24.54 -2.72 -1.96
N LEU C 259 -23.64 -3.38 -1.25
CA LEU C 259 -23.73 -4.82 -1.17
C LEU C 259 -24.32 -5.27 0.15
N LYS C 260 -24.84 -4.35 0.95
CA LYS C 260 -25.85 -4.81 1.88
C LYS C 260 -27.25 -4.67 1.32
N LYS C 261 -27.36 -4.56 0.00
CA LYS C 261 -28.62 -4.78 -0.69
C LYS C 261 -28.98 -6.26 -0.69
N HIS C 262 -27.98 -7.13 -0.68
CA HIS C 262 -28.20 -8.57 -0.54
C HIS C 262 -28.24 -8.96 0.92
N LEU C 263 -29.22 -9.78 1.29
CA LEU C 263 -29.47 -10.10 2.69
C LEU C 263 -29.54 -11.61 2.86
N ARG C 264 -28.43 -12.22 3.25
CA ARG C 264 -28.33 -13.61 3.67
C ARG C 264 -27.42 -13.61 4.90
N LYS C 265 -26.95 -14.78 5.34
CA LYS C 265 -26.28 -14.83 6.64
C LYS C 265 -24.82 -14.37 6.59
N GLN C 266 -23.96 -15.08 5.86
CA GLN C 266 -22.56 -14.70 5.66
C GLN C 266 -22.24 -14.73 4.18
N LYS C 267 -23.24 -14.48 3.34
CA LYS C 267 -23.09 -14.71 1.90
C LYS C 267 -22.25 -13.63 1.24
N VAL C 268 -22.75 -12.40 1.20
CA VAL C 268 -21.96 -11.31 0.64
C VAL C 268 -21.07 -10.74 1.74
N ASN C 269 -19.77 -10.84 1.54
CA ASN C 269 -18.79 -10.06 2.25
C ASN C 269 -17.85 -9.48 1.21
N LEU C 270 -17.58 -8.19 1.33
CA LEU C 270 -16.62 -7.55 0.44
C LEU C 270 -15.35 -7.29 1.22
N ILE C 271 -14.23 -7.68 0.64
CA ILE C 271 -12.92 -7.35 1.18
C ILE C 271 -12.17 -6.61 0.10
N ARG C 272 -11.73 -5.41 0.42
CA ARG C 272 -11.11 -4.51 -0.54
C ARG C 272 -9.83 -3.98 0.04
N TYR C 273 -8.74 -4.22 -0.66
CA TYR C 273 -7.53 -3.46 -0.44
C TYR C 273 -7.35 -2.60 -1.68
N ALA C 274 -6.56 -1.54 -1.56
CA ALA C 274 -6.83 -0.17 -2.04
C ALA C 274 -7.66 -0.15 -3.32
N ASP C 275 -7.28 -0.84 -4.37
CA ASP C 275 -8.14 -0.91 -5.53
C ASP C 275 -8.52 -2.33 -5.89
N ASP C 276 -7.88 -3.31 -5.29
CA ASP C 276 -8.04 -4.71 -5.68
C ASP C 276 -8.93 -5.39 -4.67
N PHE C 277 -10.20 -5.59 -5.04
CA PHE C 277 -11.11 -6.25 -4.14
C PHE C 277 -11.50 -7.61 -4.67
N VAL C 278 -11.97 -8.45 -3.76
CA VAL C 278 -12.69 -9.68 -4.09
C VAL C 278 -14.00 -9.67 -3.31
N VAL C 279 -15.02 -10.32 -3.86
CA VAL C 279 -16.34 -10.36 -3.25
C VAL C 279 -16.64 -11.81 -2.95
N THR C 280 -17.37 -12.08 -1.88
CA THR C 280 -17.84 -13.43 -1.61
C THR C 280 -19.31 -13.56 -1.98
N GLY C 281 -19.83 -14.77 -1.90
CA GLY C 281 -21.22 -14.99 -2.27
C GLY C 281 -21.69 -16.34 -1.79
N GLU C 282 -22.61 -16.91 -2.55
CA GLU C 282 -22.92 -18.33 -2.39
C GLU C 282 -23.11 -19.06 -3.69
N SER C 283 -23.13 -18.39 -4.83
CA SER C 283 -23.46 -19.05 -6.09
C SER C 283 -22.93 -18.21 -7.24
N LYS C 284 -22.92 -18.80 -8.43
CA LYS C 284 -22.39 -18.14 -9.60
C LYS C 284 -23.28 -17.03 -10.12
N GLU C 285 -24.59 -17.16 -10.02
CA GLU C 285 -25.48 -16.14 -10.55
C GLU C 285 -25.64 -14.96 -9.60
N THR C 286 -25.56 -15.20 -8.29
CA THR C 286 -25.63 -14.12 -7.33
C THR C 286 -24.39 -13.26 -7.35
N LEU C 287 -23.24 -13.85 -7.63
CA LEU C 287 -22.10 -13.00 -7.92
C LEU C 287 -22.26 -12.25 -9.23
N GLU C 288 -23.15 -12.69 -10.13
CA GLU C 288 -23.39 -11.88 -11.32
C GLU C 288 -24.38 -10.76 -11.08
N LYS C 289 -25.30 -10.96 -10.11
CA LYS C 289 -25.98 -9.81 -9.50
C LYS C 289 -24.97 -8.82 -8.97
N VAL C 290 -23.93 -9.31 -8.29
CA VAL C 290 -22.91 -8.43 -7.72
C VAL C 290 -22.10 -7.73 -8.82
N THR C 291 -21.82 -8.41 -9.94
CA THR C 291 -21.17 -7.75 -11.07
C THR C 291 -22.00 -6.59 -11.60
N THR C 292 -23.29 -6.83 -11.81
CA THR C 292 -24.14 -5.76 -12.35
C THR C 292 -24.32 -4.63 -11.34
N VAL C 293 -24.38 -4.96 -10.04
CA VAL C 293 -24.51 -3.94 -9.00
C VAL C 293 -23.26 -3.07 -8.94
N ILE C 294 -22.08 -3.70 -8.87
CA ILE C 294 -20.85 -2.94 -8.76
C ILE C 294 -20.55 -2.18 -10.05
N GLN C 295 -20.96 -2.70 -11.21
CA GLN C 295 -20.74 -1.92 -12.41
C GLN C 295 -21.74 -0.78 -12.54
N GLU C 296 -22.95 -0.91 -11.99
CA GLU C 296 -23.79 0.27 -11.84
C GLU C 296 -23.22 1.26 -10.85
N PHE C 297 -22.55 0.78 -9.80
CA PHE C 297 -21.94 1.67 -8.82
C PHE C 297 -20.80 2.46 -9.43
N LEU C 298 -19.87 1.78 -10.07
CA LEU C 298 -18.77 2.46 -10.73
C LEU C 298 -19.20 3.17 -11.99
N LYS C 299 -20.41 2.89 -12.51
CA LYS C 299 -20.92 3.59 -13.67
C LYS C 299 -21.09 5.08 -13.40
N GLU C 300 -21.46 5.44 -12.19
CA GLU C 300 -21.60 6.85 -11.86
C GLU C 300 -20.27 7.56 -11.84
N ARG C 301 -19.24 6.86 -11.40
CA ARG C 301 -17.87 7.36 -11.44
C ARG C 301 -17.30 7.05 -12.82
N GLY C 302 -16.01 7.25 -13.01
CA GLY C 302 -15.48 7.03 -14.33
C GLY C 302 -14.88 5.65 -14.52
N LEU C 303 -15.33 4.69 -13.74
CA LEU C 303 -14.64 3.41 -13.61
C LEU C 303 -15.50 2.27 -14.11
N THR C 304 -14.84 1.24 -14.63
CA THR C 304 -15.48 0.01 -15.02
C THR C 304 -14.60 -1.14 -14.55
N LEU C 305 -15.23 -2.19 -14.04
CA LEU C 305 -14.50 -3.43 -13.83
C LEU C 305 -14.12 -4.01 -15.17
N SER C 306 -13.04 -4.76 -15.20
CA SER C 306 -12.57 -5.30 -16.47
C SER C 306 -13.43 -6.49 -16.88
N GLU C 307 -13.11 -7.04 -18.03
CA GLU C 307 -13.61 -8.37 -18.34
C GLU C 307 -12.55 -9.43 -18.14
N GLU C 308 -11.30 -9.09 -18.41
CA GLU C 308 -10.19 -10.01 -18.19
C GLU C 308 -9.97 -10.30 -16.71
N LYS C 309 -9.64 -9.27 -15.93
CA LYS C 309 -9.19 -9.48 -14.55
C LYS C 309 -10.33 -9.94 -13.67
N THR C 310 -11.56 -9.60 -14.03
CA THR C 310 -12.71 -10.13 -13.32
C THR C 310 -12.93 -11.57 -13.71
N LYS C 311 -13.12 -12.42 -12.71
CA LYS C 311 -13.48 -13.81 -12.95
C LYS C 311 -14.15 -14.35 -11.70
N VAL C 312 -15.19 -15.16 -11.90
CA VAL C 312 -15.75 -15.87 -10.78
C VAL C 312 -15.00 -17.19 -10.62
N VAL C 313 -14.82 -17.61 -9.37
CA VAL C 313 -14.03 -18.79 -9.11
C VAL C 313 -14.51 -19.42 -7.81
N HIS C 314 -14.41 -20.73 -7.75
CA HIS C 314 -14.90 -21.53 -6.65
C HIS C 314 -13.72 -21.95 -5.79
N ILE C 315 -13.64 -21.45 -4.56
CA ILE C 315 -12.72 -22.10 -3.64
C ILE C 315 -13.30 -23.47 -3.33
N GLU C 316 -12.57 -24.53 -3.69
CA GLU C 316 -11.13 -24.55 -3.99
C GLU C 316 -10.64 -24.56 -5.46
N GLU C 317 -10.58 -23.40 -6.09
CA GLU C 317 -9.85 -23.33 -7.34
C GLU C 317 -8.97 -22.10 -7.24
N GLY C 318 -9.27 -21.26 -6.26
CA GLY C 318 -8.30 -20.30 -5.84
C GLY C 318 -8.25 -19.00 -6.58
N PHE C 319 -8.03 -17.92 -5.84
CA PHE C 319 -7.84 -16.60 -6.39
C PHE C 319 -6.65 -15.95 -5.72
N ASP C 320 -5.92 -15.12 -6.46
CA ASP C 320 -4.74 -14.45 -5.94
C ASP C 320 -5.13 -13.12 -5.33
N PHE C 321 -4.72 -12.90 -4.08
CA PHE C 321 -5.14 -11.73 -3.32
C PHE C 321 -3.96 -11.25 -2.49
N LEU C 322 -3.35 -10.15 -2.92
CA LEU C 322 -2.23 -9.47 -2.24
C LEU C 322 -1.01 -10.38 -2.09
N GLY C 323 -0.78 -11.23 -3.08
CA GLY C 323 0.29 -12.20 -2.98
C GLY C 323 -0.09 -13.50 -2.32
N TRP C 324 -1.16 -13.52 -1.54
CA TRP C 324 -1.61 -14.72 -0.87
C TRP C 324 -2.60 -15.46 -1.75
N ASN C 325 -2.29 -16.71 -2.07
CA ASN C 325 -3.24 -17.61 -2.70
C ASN C 325 -4.24 -18.05 -1.64
N ILE C 326 -5.53 -17.90 -1.92
CA ILE C 326 -6.59 -18.43 -1.08
C ILE C 326 -7.21 -19.61 -1.79
N ARG C 327 -7.17 -20.79 -1.21
CA ARG C 327 -7.86 -21.94 -1.79
C ARG C 327 -8.57 -22.61 -0.63
N LYS C 328 -9.01 -23.86 -0.76
CA LYS C 328 -9.53 -24.59 0.40
C LYS C 328 -8.77 -25.87 0.68
N TYR C 329 -8.45 -26.65 -0.34
CA TYR C 329 -7.79 -27.94 -0.24
C TYR C 329 -8.59 -28.90 0.63
N GLY C 330 -9.88 -29.03 0.34
CA GLY C 330 -10.72 -29.94 1.08
C GLY C 330 -11.03 -29.53 2.52
N GLU C 331 -11.84 -28.48 2.67
CA GLU C 331 -12.34 -27.99 3.96
C GLU C 331 -11.24 -27.59 4.94
N LYS C 332 -10.09 -27.19 4.41
CA LYS C 332 -9.15 -26.33 5.12
C LYS C 332 -9.31 -24.94 4.54
N LEU C 333 -8.50 -24.00 5.01
CA LEU C 333 -8.48 -22.72 4.32
C LEU C 333 -7.15 -22.43 3.67
N LEU C 334 -6.06 -22.38 4.45
CA LEU C 334 -4.68 -22.38 3.95
C LEU C 334 -4.41 -21.19 3.02
N ILE C 335 -4.32 -20.02 3.65
CA ILE C 335 -3.83 -18.83 2.99
C ILE C 335 -2.35 -19.05 2.66
N LYS C 336 -2.03 -19.31 1.42
CA LYS C 336 -0.62 -19.53 1.16
C LYS C 336 -0.07 -18.40 0.31
N PRO C 337 1.18 -18.00 0.48
CA PRO C 337 1.75 -16.99 -0.40
C PRO C 337 1.99 -17.53 -1.78
N ALA C 338 1.37 -16.89 -2.76
CA ALA C 338 1.18 -17.51 -4.06
C ALA C 338 2.48 -17.56 -4.82
N LYS C 339 2.50 -18.38 -5.87
CA LYS C 339 3.72 -18.61 -6.61
C LYS C 339 4.06 -17.48 -7.56
N LYS C 340 3.30 -16.39 -7.52
CA LYS C 340 3.81 -15.17 -8.10
C LYS C 340 4.33 -14.20 -7.06
N ASN C 341 4.16 -14.51 -5.77
CA ASN C 341 4.88 -13.77 -4.76
C ASN C 341 6.10 -14.54 -4.27
N ILE C 342 6.28 -15.77 -4.72
CA ILE C 342 7.52 -16.48 -4.46
C ILE C 342 8.51 -16.23 -5.56
N LYS C 343 8.04 -16.25 -6.80
CA LYS C 343 8.92 -16.00 -7.93
C LYS C 343 9.47 -14.59 -7.92
N ALA C 344 8.71 -13.62 -7.39
CA ALA C 344 9.23 -12.27 -7.27
C ALA C 344 10.31 -12.18 -6.21
N PHE C 345 10.16 -12.93 -5.13
CA PHE C 345 11.18 -12.93 -4.10
C PHE C 345 12.46 -13.62 -4.55
N HIS C 346 12.34 -14.73 -5.27
CA HIS C 346 13.54 -15.33 -5.81
C HIS C 346 14.17 -14.48 -6.89
N LYS C 347 13.37 -13.68 -7.62
CA LYS C 347 13.95 -12.74 -8.55
C LYS C 347 14.74 -11.65 -7.82
N LYS C 348 14.25 -11.19 -6.67
CA LYS C 348 14.99 -10.18 -5.91
C LYS C 348 16.32 -10.71 -5.41
N ILE C 349 16.33 -11.92 -4.84
CA ILE C 349 17.60 -12.47 -4.36
C ILE C 349 18.54 -12.85 -5.51
N ARG C 350 17.99 -13.42 -6.58
CA ARG C 350 18.78 -13.72 -7.77
C ARG C 350 19.45 -12.48 -8.32
N ASP C 351 18.75 -11.36 -8.33
CA ASP C 351 19.40 -10.17 -8.83
C ASP C 351 20.36 -9.55 -7.83
N ALA C 352 20.11 -9.69 -6.52
CA ALA C 352 21.05 -9.18 -5.53
C ALA C 352 22.37 -9.92 -5.59
N LEU C 353 22.35 -11.21 -5.91
CA LEU C 353 23.64 -11.88 -6.09
C LEU C 353 24.19 -11.77 -7.50
N LYS C 354 23.39 -11.48 -8.51
CA LYS C 354 24.02 -11.19 -9.79
C LYS C 354 24.71 -9.85 -9.79
N GLU C 355 24.30 -8.95 -8.89
CA GLU C 355 25.07 -7.73 -8.71
C GLU C 355 26.32 -7.98 -7.89
N LEU C 356 26.20 -8.52 -6.69
CA LEU C 356 27.36 -8.84 -5.86
C LEU C 356 28.09 -10.08 -6.37
N ARG C 357 28.74 -10.00 -7.51
CA ARG C 357 29.35 -11.20 -8.08
C ARG C 357 30.81 -11.32 -7.65
N THR C 358 31.41 -10.22 -7.19
CA THR C 358 32.77 -10.27 -6.70
C THR C 358 32.86 -9.67 -5.31
N ALA C 359 31.90 -9.96 -4.46
CA ALA C 359 31.76 -9.17 -3.26
C ALA C 359 32.55 -9.79 -2.10
N THR C 360 32.50 -9.10 -0.98
CA THR C 360 32.94 -9.62 0.29
C THR C 360 31.78 -10.40 0.89
N GLN C 361 32.11 -11.39 1.71
CA GLN C 361 31.09 -12.26 2.28
C GLN C 361 30.18 -11.53 3.25
N GLU C 362 30.73 -10.66 4.10
CA GLU C 362 29.89 -9.87 4.99
C GLU C 362 29.04 -8.87 4.25
N ALA C 363 29.48 -8.39 3.07
CA ALA C 363 28.62 -7.54 2.27
C ALA C 363 27.48 -8.32 1.66
N VAL C 364 27.71 -9.60 1.32
CA VAL C 364 26.63 -10.44 0.82
C VAL C 364 25.62 -10.72 1.92
N ILE C 365 26.09 -10.92 3.15
CA ILE C 365 25.14 -11.03 4.26
C ILE C 365 24.40 -9.73 4.45
N ASP C 366 25.09 -8.59 4.29
CA ASP C 366 24.47 -7.28 4.50
C ASP C 366 23.40 -6.94 3.48
N THR C 367 23.59 -7.33 2.22
CA THR C 367 22.51 -7.08 1.28
C THR C 367 21.40 -8.10 1.40
N LEU C 368 21.74 -9.38 1.52
CA LEU C 368 20.71 -10.40 1.43
C LEU C 368 19.92 -10.52 2.71
N ASN C 369 20.39 -9.95 3.80
CA ASN C 369 19.69 -10.21 5.06
C ASN C 369 18.41 -9.39 5.26
N PRO C 370 18.34 -8.09 4.97
CA PRO C 370 17.04 -7.43 5.15
C PRO C 370 16.01 -7.80 4.10
N ILE C 371 16.43 -8.30 2.94
CA ILE C 371 15.46 -8.79 1.94
C ILE C 371 14.68 -9.95 2.52
N ILE C 372 15.40 -10.90 3.12
CA ILE C 372 14.78 -12.08 3.66
C ILE C 372 14.02 -11.73 4.92
N LYS C 373 14.50 -10.76 5.69
CA LYS C 373 13.77 -10.37 6.89
C LYS C 373 12.48 -9.64 6.54
N GLY C 374 12.47 -8.88 5.44
CA GLY C 374 11.25 -8.22 5.01
C GLY C 374 10.26 -9.18 4.40
N TRP C 375 10.75 -10.24 3.73
CA TRP C 375 9.81 -11.24 3.25
C TRP C 375 9.46 -12.21 4.37
N ALA C 376 10.10 -12.05 5.52
CA ALA C 376 9.70 -12.84 6.68
C ALA C 376 8.59 -12.15 7.44
N ASN C 377 8.77 -10.87 7.79
CA ASN C 377 7.78 -10.18 8.62
C ASN C 377 6.47 -9.95 7.88
N TYR C 378 6.50 -10.08 6.56
CA TYR C 378 5.30 -9.86 5.77
C TYR C 378 4.47 -11.12 5.69
N HIS C 379 5.10 -12.27 5.46
CA HIS C 379 4.42 -13.55 5.53
C HIS C 379 4.83 -14.17 6.85
N ARG C 380 4.24 -13.74 7.94
CA ARG C 380 4.52 -14.43 9.19
C ARG C 380 3.24 -14.65 9.98
N ASN C 381 2.11 -14.50 9.34
CA ASN C 381 0.85 -14.75 9.97
C ASN C 381 0.06 -15.77 9.21
N GLN C 382 0.61 -16.29 8.13
CA GLN C 382 -0.12 -17.16 7.23
C GLN C 382 0.54 -18.52 7.17
N VAL C 383 0.04 -19.38 6.30
CA VAL C 383 0.61 -20.71 6.10
C VAL C 383 1.83 -20.52 5.21
N SER C 384 3.00 -20.46 5.81
CA SER C 384 4.18 -20.20 5.00
C SER C 384 5.41 -20.99 5.39
N LYS C 385 5.34 -21.86 6.41
CA LYS C 385 6.54 -22.50 6.91
C LYS C 385 7.11 -23.48 5.91
N ARG C 386 6.26 -24.28 5.29
CA ARG C 386 6.68 -25.13 4.19
C ARG C 386 7.27 -24.33 3.04
N ILE C 387 6.63 -23.20 2.73
CA ILE C 387 7.11 -22.34 1.67
C ILE C 387 8.39 -21.66 2.10
N PHE C 388 8.57 -21.47 3.42
CA PHE C 388 9.83 -20.93 3.91
C PHE C 388 10.97 -21.93 3.79
N ASN C 389 10.70 -23.21 4.03
CA ASN C 389 11.77 -24.19 3.85
C ASN C 389 12.15 -24.32 2.40
N ARG C 390 11.17 -24.28 1.50
CA ARG C 390 11.54 -24.30 0.10
C ARG C 390 12.26 -23.02 -0.32
N ALA C 391 11.94 -21.89 0.32
CA ALA C 391 12.63 -20.65 0.00
C ALA C 391 14.08 -20.68 0.48
N ASP C 392 14.30 -21.17 1.71
CA ASP C 392 15.67 -21.29 2.21
C ASP C 392 16.47 -22.30 1.41
N ASP C 393 15.82 -23.36 0.93
CA ASP C 393 16.46 -24.29 0.00
C ASP C 393 16.94 -23.58 -1.24
N ASN C 394 16.08 -22.79 -1.86
CA ASN C 394 16.48 -22.24 -3.14
C ASN C 394 17.53 -21.14 -2.97
N ILE C 395 17.46 -20.38 -1.87
CA ILE C 395 18.51 -19.39 -1.69
C ILE C 395 19.78 -20.08 -1.24
N TRP C 396 19.69 -21.27 -0.63
CA TRP C 396 20.90 -21.99 -0.28
C TRP C 396 21.62 -22.45 -1.52
N HIS C 397 20.87 -22.93 -2.50
CA HIS C 397 21.56 -23.35 -3.71
C HIS C 397 22.16 -22.16 -4.44
N LYS C 398 21.52 -21.00 -4.36
CA LYS C 398 22.16 -19.81 -4.90
C LYS C 398 23.43 -19.44 -4.14
N LEU C 399 23.44 -19.56 -2.82
CA LEU C 399 24.66 -19.27 -2.06
C LEU C 399 25.75 -20.29 -2.29
N TRP C 400 25.39 -21.54 -2.53
CA TRP C 400 26.41 -22.54 -2.83
C TRP C 400 27.03 -22.27 -4.18
N ARG C 401 26.22 -21.90 -5.14
CA ARG C 401 26.77 -21.54 -6.44
C ARG C 401 27.59 -20.26 -6.35
N TRP C 402 27.24 -19.37 -5.43
CA TRP C 402 28.10 -18.24 -5.09
C TRP C 402 29.46 -18.68 -4.61
N ALA C 403 29.49 -19.52 -3.58
CA ALA C 403 30.75 -19.92 -2.98
C ALA C 403 31.61 -20.76 -3.90
N LYS C 404 30.99 -21.54 -4.77
CA LYS C 404 31.76 -22.35 -5.70
C LYS C 404 32.21 -21.57 -6.92
N ARG C 405 31.44 -20.58 -7.37
CA ARG C 405 31.92 -19.76 -8.46
C ARG C 405 32.97 -18.76 -7.99
N ARG C 406 33.11 -18.58 -6.67
CA ARG C 406 34.13 -17.69 -6.16
C ARG C 406 35.54 -18.21 -6.45
N HIS C 407 35.86 -19.43 -5.97
CA HIS C 407 37.13 -20.09 -6.21
C HIS C 407 36.92 -21.24 -7.18
N PRO C 408 37.16 -21.05 -8.47
CA PRO C 408 36.87 -22.10 -9.44
C PRO C 408 37.71 -23.37 -9.31
N ASN C 409 39.02 -23.27 -9.37
CA ASN C 409 39.86 -24.45 -9.26
C ASN C 409 40.41 -24.53 -7.84
N LYS C 410 39.61 -25.09 -6.96
CA LYS C 410 39.83 -25.27 -5.53
C LYS C 410 38.73 -26.20 -5.05
N PRO C 411 39.01 -27.18 -4.18
CA PRO C 411 38.03 -28.24 -3.91
C PRO C 411 36.77 -27.83 -3.16
N ALA C 412 35.96 -28.82 -2.82
CA ALA C 412 34.66 -28.57 -2.22
C ALA C 412 34.69 -28.53 -0.70
N ARG C 413 35.50 -29.37 -0.05
CA ARG C 413 35.59 -29.29 1.40
C ARG C 413 36.21 -27.98 1.85
N TRP C 414 37.04 -27.38 1.01
CA TRP C 414 37.61 -26.07 1.30
C TRP C 414 36.51 -25.02 1.39
N THR C 415 35.66 -24.95 0.38
CA THR C 415 34.62 -23.93 0.39
C THR C 415 33.56 -24.23 1.43
N LYS C 416 33.32 -25.51 1.71
CA LYS C 416 32.36 -25.83 2.77
C LYS C 416 32.86 -25.37 4.13
N ASN C 417 34.14 -25.53 4.43
CA ASN C 417 34.51 -25.07 5.76
C ASN C 417 35.05 -23.65 5.79
N LYS C 418 35.22 -23.02 4.64
CA LYS C 418 35.64 -21.62 4.64
C LYS C 418 34.43 -20.69 4.64
N TYR C 419 33.42 -21.02 3.84
CA TYR C 419 32.23 -20.19 3.76
C TYR C 419 31.13 -20.58 4.72
N PHE C 420 31.02 -21.84 5.10
CA PHE C 420 29.91 -22.27 5.91
C PHE C 420 30.43 -22.72 7.26
N ILE C 421 29.63 -22.50 8.30
CA ILE C 421 30.04 -22.63 9.69
C ILE C 421 29.16 -23.67 10.36
N LYS C 422 29.74 -24.54 11.16
CA LYS C 422 28.92 -25.27 12.12
C LYS C 422 28.52 -24.26 13.19
N ILE C 423 27.30 -23.78 13.15
CA ILE C 423 26.89 -22.75 14.07
C ILE C 423 26.16 -23.33 15.29
N GLY C 424 25.83 -24.62 15.24
CA GLY C 424 25.07 -25.22 16.32
C GLY C 424 24.90 -26.70 16.03
N ASN C 425 23.66 -27.16 16.15
CA ASN C 425 23.30 -28.42 15.54
C ASN C 425 23.43 -28.32 14.02
N ARG C 426 23.13 -27.16 13.45
CA ARG C 426 23.21 -26.97 12.01
C ARG C 426 24.66 -26.80 11.58
N HIS C 427 25.07 -27.58 10.60
CA HIS C 427 26.20 -27.22 9.78
C HIS C 427 25.69 -26.34 8.66
N TRP C 428 26.57 -26.06 7.70
CA TRP C 428 26.25 -25.37 6.44
C TRP C 428 25.66 -23.98 6.64
N VAL C 429 25.93 -23.31 7.75
CA VAL C 429 25.31 -22.03 7.99
C VAL C 429 26.21 -20.93 7.48
N PHE C 430 25.75 -20.26 6.43
CA PHE C 430 26.58 -19.42 5.59
C PHE C 430 27.04 -18.18 6.34
N GLY C 431 28.28 -17.76 6.12
CA GLY C 431 28.83 -16.59 6.79
C GLY C 431 30.22 -16.76 7.36
N THR C 432 30.70 -15.71 8.02
CA THR C 432 31.98 -15.73 8.74
C THR C 432 31.85 -14.96 10.06
N TRP C 433 32.99 -14.62 10.64
CA TRP C 433 33.08 -13.55 11.65
C TRP C 433 34.46 -12.89 11.65
N ARG C 442 29.79 -14.26 18.72
CA ARG C 442 29.99 -13.38 17.57
C ARG C 442 30.14 -14.12 16.24
N SER C 443 29.04 -14.22 15.50
CA SER C 443 28.97 -14.93 14.23
C SER C 443 28.11 -14.14 13.26
N ARG C 444 28.64 -13.87 12.06
CA ARG C 444 27.89 -13.13 11.05
C ARG C 444 27.37 -14.12 10.04
N TYR C 445 26.04 -14.18 9.87
CA TYR C 445 25.43 -15.28 9.14
C TYR C 445 24.02 -14.92 8.72
N LEU C 446 23.61 -15.43 7.56
CA LEU C 446 22.26 -15.18 7.04
C LEU C 446 21.17 -15.67 7.97
N ILE C 447 20.00 -15.07 7.83
CA ILE C 447 18.81 -15.51 8.55
C ILE C 447 18.10 -16.55 7.69
N LYS C 448 17.91 -17.74 8.25
CA LYS C 448 17.04 -18.73 7.62
C LYS C 448 15.61 -18.25 7.77
N ALA C 449 14.93 -18.10 6.66
CA ALA C 449 13.54 -17.66 6.72
C ALA C 449 12.66 -18.73 7.35
N GLY C 450 13.08 -19.98 7.31
CA GLY C 450 12.33 -21.05 7.92
C GLY C 450 12.24 -20.97 9.43
N ASP C 451 13.12 -20.22 10.07
CA ASP C 451 13.11 -20.13 11.52
C ASP C 451 12.41 -18.88 12.02
N THR C 452 11.37 -18.44 11.34
CA THR C 452 10.67 -17.20 11.66
C THR C 452 9.24 -17.43 12.10
N ARG C 453 9.03 -18.44 12.96
CA ARG C 453 8.08 -18.45 14.08
C ARG C 453 6.71 -17.85 13.78
N ILE C 454 5.92 -18.52 12.94
CA ILE C 454 4.63 -18.04 12.52
C ILE C 454 3.66 -17.90 13.69
N GLN C 455 3.07 -16.70 13.84
CA GLN C 455 2.24 -16.35 14.99
C GLN C 455 0.76 -16.58 14.67
N ARG C 456 0.22 -17.70 15.17
CA ARG C 456 -1.10 -18.29 14.86
C ARG C 456 -1.61 -18.08 13.44
#